data_6X1J
#
_entry.id   6X1J
#
_cell.length_a   67.601
_cell.length_b   37.281
_cell.length_c   94.064
_cell.angle_alpha   90.000
_cell.angle_beta   100.440
_cell.angle_gamma   90.000
#
_symmetry.space_group_name_H-M   'P 1 2 1'
#
loop_
_entity.id
_entity.type
_entity.pdbx_description
1 polymer 'Probable intron-encoded endonuclease 1'
2 polymer 'DNA (25-mer)'
3 polymer 'DNA (25-mer)'
4 non-polymer 'POTASSIUM ION'
5 water water
#
loop_
_entity_poly.entity_id
_entity_poly.type
_entity_poly.pdbx_seq_one_letter_code
_entity_poly.pdbx_strand_id
1 'polypeptide(L)'
;MMKKQIINKKDLLGLGPNSKLIKDYKKQWTTLSKIQEETLIGNILGDVYIKKLKRNKHFLLQFEWKNKAYIEHIVRVFDE
YVISPPTLYERKNHLGNKVITWRAQTFEHKAFDKLGYYFMENHKKIIKPDLVLNYITERSLAYWFMDDGGKWDYNKKTKN
KSLVLHTQGFKKEEVEILINDLNIKFNLNCSIKFNKNKPIIYIPNKDYELFYNLVNPYIIPEMKYKLLFNV
;
A
2 'polydeoxyribonucleotide'
;(DC)(DA)(DC)(DG)(DC)(DT)(DA)(DG)(DG)(DG)(DA)(DT)(DA)(DA)(DC)(DA)(DG)(DG)(DG)(DT)
(DA)(DA)(DT)(DA)(DC)
;
C
3 'polydeoxyribonucleotide'
;(DG)(DG)(DT)(DA)(DT)(DT)(DA)(DC)(DC)(DC)(DT)(DG)(DT)(DT)(DA)(DT)(DC)(DC)(DC)(DT)
(DA)(DG)(DC)(DG)(DT)
;
D
#
# COMPACT_ATOMS: atom_id res chain seq x y z
N ILE A 6 -12.25 -15.01 -25.32
CA ILE A 6 -11.71 -15.61 -24.06
C ILE A 6 -10.20 -15.30 -23.99
N ILE A 7 -9.84 -14.02 -23.99
CA ILE A 7 -8.48 -13.51 -24.33
C ILE A 7 -7.51 -13.78 -23.17
N ASN A 8 -6.38 -14.40 -23.47
CA ASN A 8 -5.24 -14.63 -22.53
C ASN A 8 -4.38 -13.36 -22.50
N LYS A 9 -3.86 -13.00 -21.32
CA LYS A 9 -3.05 -11.77 -21.09
C LYS A 9 -1.69 -11.92 -21.76
N LYS A 10 -1.17 -13.15 -21.81
CA LYS A 10 0.04 -13.60 -22.57
C LYS A 10 0.13 -12.83 -23.90
N ASP A 11 -0.99 -12.79 -24.64
CA ASP A 11 -1.11 -12.28 -26.03
C ASP A 11 -0.98 -10.75 -26.07
N LEU A 12 -1.28 -10.06 -24.95
CA LEU A 12 -1.28 -8.57 -24.92
C LEU A 12 0.17 -8.07 -24.87
N LEU A 13 1.11 -8.93 -24.51
CA LEU A 13 2.52 -8.53 -24.21
C LEU A 13 3.21 -7.93 -25.45
N GLY A 14 3.47 -6.61 -25.43
CA GLY A 14 4.20 -5.86 -26.47
C GLY A 14 3.28 -5.15 -27.47
N LEU A 15 1.98 -5.43 -27.47
CA LEU A 15 1.00 -4.73 -28.35
C LEU A 15 1.00 -3.24 -27.98
N GLY A 16 0.78 -2.38 -28.97
CA GLY A 16 0.60 -0.93 -28.79
C GLY A 16 -0.60 -0.63 -27.92
N PRO A 17 -0.59 0.51 -27.19
CA PRO A 17 -1.55 0.73 -26.12
C PRO A 17 -2.98 0.59 -26.64
N ASN A 18 -3.26 1.12 -27.84
CA ASN A 18 -4.67 1.33 -28.32
C ASN A 18 -5.19 0.07 -29.00
N SER A 19 -4.46 -1.04 -28.93
CA SER A 19 -4.90 -2.32 -29.51
C SER A 19 -6.26 -2.74 -28.94
N LYS A 20 -7.14 -3.19 -29.83
CA LYS A 20 -8.51 -3.70 -29.58
C LYS A 20 -8.49 -4.88 -28.61
N LEU A 21 -7.59 -5.84 -28.85
CA LEU A 21 -7.35 -7.03 -27.96
C LEU A 21 -7.29 -6.58 -26.48
N ILE A 22 -6.53 -5.51 -26.18
CA ILE A 22 -6.38 -4.97 -24.80
C ILE A 22 -7.76 -4.53 -24.30
N LYS A 23 -8.47 -3.70 -25.08
CA LYS A 23 -9.80 -3.17 -24.68
C LYS A 23 -10.78 -4.34 -24.51
N ASP A 24 -10.71 -5.33 -25.40
CA ASP A 24 -11.57 -6.55 -25.32
C ASP A 24 -11.18 -7.37 -24.07
N TYR A 25 -9.89 -7.51 -23.77
CA TYR A 25 -9.38 -8.21 -22.54
C TYR A 25 -9.98 -7.58 -21.26
N LYS A 26 -10.01 -6.24 -21.17
CA LYS A 26 -10.51 -5.47 -19.97
C LYS A 26 -11.94 -5.83 -19.57
N LYS A 27 -12.84 -6.08 -20.53
CA LYS A 27 -14.26 -6.36 -20.23
C LYS A 27 -14.38 -7.72 -19.53
N GLN A 28 -13.29 -8.49 -19.46
CA GLN A 28 -13.29 -9.79 -18.72
C GLN A 28 -13.32 -9.50 -17.21
N TRP A 29 -13.19 -8.22 -16.83
CA TRP A 29 -13.19 -7.74 -15.41
C TRP A 29 -13.92 -6.40 -15.29
N THR A 30 -14.75 -6.28 -14.25
CA THR A 30 -15.55 -5.06 -13.95
C THR A 30 -15.20 -4.52 -12.54
N THR A 31 -15.22 -5.31 -11.46
CA THR A 31 -14.92 -4.82 -10.07
C THR A 31 -13.73 -5.55 -9.42
N LEU A 32 -12.99 -4.90 -8.51
CA LEU A 32 -11.92 -5.59 -7.74
C LEU A 32 -12.60 -6.64 -6.88
N SER A 33 -11.94 -7.78 -6.68
CA SER A 33 -12.31 -8.80 -5.68
C SER A 33 -12.25 -8.13 -4.29
N LYS A 34 -12.92 -8.74 -3.32
CA LYS A 34 -12.80 -8.42 -1.88
C LYS A 34 -11.29 -8.37 -1.52
N ILE A 35 -10.51 -9.40 -1.90
CA ILE A 35 -9.06 -9.47 -1.54
C ILE A 35 -8.33 -8.27 -2.13
N GLN A 36 -8.56 -8.01 -3.41
CA GLN A 36 -7.84 -6.92 -4.10
C GLN A 36 -8.21 -5.59 -3.47
N GLU A 37 -9.48 -5.44 -3.10
CA GLU A 37 -10.00 -4.13 -2.64
C GLU A 37 -9.27 -3.85 -1.32
N GLU A 38 -9.29 -4.83 -0.41
CA GLU A 38 -8.77 -4.70 0.98
C GLU A 38 -7.26 -4.58 0.92
N THR A 39 -6.59 -5.35 0.08
CA THR A 39 -5.14 -5.17 -0.16
C THR A 39 -4.90 -3.70 -0.57
N LEU A 40 -5.66 -3.22 -1.53
CA LEU A 40 -5.36 -1.96 -2.23
C LEU A 40 -5.62 -0.81 -1.26
N ILE A 41 -6.57 -0.97 -0.35
CA ILE A 41 -6.82 0.10 0.66
C ILE A 41 -5.54 0.28 1.48
N GLY A 42 -4.92 -0.83 1.90
CA GLY A 42 -3.63 -0.78 2.60
C GLY A 42 -2.56 -0.11 1.76
N ASN A 43 -2.44 -0.47 0.48
CA ASN A 43 -1.32 -0.03 -0.37
C ASN A 43 -1.42 1.48 -0.61
N ILE A 44 -2.64 2.03 -0.66
CA ILE A 44 -2.89 3.48 -0.99
C ILE A 44 -2.44 4.30 0.22
N LEU A 45 -2.76 3.81 1.40
CA LEU A 45 -2.27 4.39 2.68
C LEU A 45 -0.74 4.30 2.67
N GLY A 46 -0.20 3.22 2.09
CA GLY A 46 1.24 2.96 1.95
C GLY A 46 1.89 3.52 0.69
N ASP A 47 2.48 2.64 -0.12
CA ASP A 47 3.53 2.95 -1.13
C ASP A 47 2.96 3.13 -2.55
N VAL A 48 1.67 2.88 -2.79
CA VAL A 48 1.14 2.87 -4.17
C VAL A 48 0.65 4.27 -4.57
N TYR A 49 0.91 4.61 -5.83
CA TYR A 49 0.39 5.78 -6.58
C TYR A 49 -0.88 5.31 -7.29
N ILE A 50 -2.03 5.79 -6.82
CA ILE A 50 -3.33 5.56 -7.53
C ILE A 50 -3.64 6.84 -8.31
N LYS A 51 -3.45 6.70 -9.63
CA LYS A 51 -3.14 7.80 -10.60
C LYS A 51 -4.30 7.95 -11.60
N LYS A 52 -4.87 9.15 -11.64
CA LYS A 52 -5.73 9.62 -12.77
C LYS A 52 -5.52 11.12 -12.99
N LEU A 53 -4.74 11.47 -14.01
CA LEU A 53 -4.58 12.85 -14.55
C LEU A 53 -5.70 13.09 -15.58
N LYS A 54 -5.68 14.26 -16.21
CA LYS A 54 -6.59 14.62 -17.31
C LYS A 54 -6.45 13.59 -18.44
N ARG A 55 -5.21 13.20 -18.76
CA ARG A 55 -4.89 12.23 -19.82
C ARG A 55 -5.53 10.86 -19.56
N ASN A 56 -5.79 10.48 -18.30
CA ASN A 56 -6.25 9.11 -17.94
C ASN A 56 -7.78 9.05 -17.90
N LYS A 57 -8.34 8.02 -18.51
CA LYS A 57 -9.81 7.85 -18.65
C LYS A 57 -10.36 7.13 -17.41
N HIS A 58 -9.59 6.19 -16.87
CA HIS A 58 -9.82 5.56 -15.54
C HIS A 58 -8.51 5.57 -14.75
N PHE A 59 -8.58 5.28 -13.44
CA PHE A 59 -7.41 5.14 -12.54
C PHE A 59 -6.59 3.94 -12.99
N LEU A 60 -5.29 4.05 -12.77
CA LEU A 60 -4.34 2.91 -12.77
C LEU A 60 -3.50 3.03 -11.50
N LEU A 61 -2.67 2.02 -11.28
CA LEU A 61 -1.67 1.91 -10.20
C LEU A 61 -0.27 1.90 -10.80
N GLN A 62 0.61 2.76 -10.30
CA GLN A 62 2.08 2.63 -10.51
C GLN A 62 2.72 2.15 -9.21
N PHE A 63 3.47 1.04 -9.30
CA PHE A 63 4.17 0.33 -8.20
C PHE A 63 5.67 0.63 -8.26
N GLU A 64 6.29 0.93 -7.12
CA GLU A 64 7.77 1.06 -7.02
C GLU A 64 8.19 0.63 -5.63
N TRP A 65 8.98 -0.46 -5.53
CA TRP A 65 9.58 -0.95 -4.26
C TRP A 65 11.05 -1.29 -4.48
N LYS A 66 11.81 -1.22 -3.38
CA LYS A 66 13.18 -1.79 -3.26
C LYS A 66 13.09 -3.30 -3.26
N ASN A 67 12.18 -3.90 -2.48
CA ASN A 67 12.14 -5.36 -2.27
C ASN A 67 11.53 -6.09 -3.48
N LYS A 68 12.26 -7.02 -4.06
CA LYS A 68 11.87 -7.72 -5.30
C LYS A 68 10.78 -8.72 -4.98
N ALA A 69 10.94 -9.49 -3.94
CA ALA A 69 9.92 -10.51 -3.59
C ALA A 69 8.61 -9.77 -3.34
N TYR A 70 8.62 -8.56 -2.75
CA TYR A 70 7.37 -7.85 -2.35
C TYR A 70 6.60 -7.37 -3.59
N ILE A 71 7.25 -6.62 -4.49
CA ILE A 71 6.59 -6.17 -5.75
C ILE A 71 6.08 -7.37 -6.54
N GLU A 72 6.79 -8.49 -6.57
CA GLU A 72 6.32 -9.66 -7.35
C GLU A 72 5.05 -10.26 -6.70
N HIS A 73 4.97 -10.20 -5.37
CA HIS A 73 3.75 -10.57 -4.61
C HIS A 73 2.55 -9.65 -4.96
N ILE A 74 2.77 -8.32 -4.99
CA ILE A 74 1.69 -7.32 -5.25
C ILE A 74 1.17 -7.54 -6.68
N VAL A 75 2.07 -7.65 -7.64
CA VAL A 75 1.71 -7.98 -9.05
C VAL A 75 0.89 -9.27 -9.10
N ARG A 76 1.21 -10.34 -8.37
CA ARG A 76 0.34 -11.57 -8.40
C ARG A 76 -1.05 -11.21 -7.86
N VAL A 77 -1.19 -10.40 -6.78
CA VAL A 77 -2.53 -10.02 -6.23
C VAL A 77 -3.39 -9.32 -7.34
N PHE A 78 -2.81 -8.39 -8.08
CA PHE A 78 -3.47 -7.67 -9.18
C PHE A 78 -3.05 -8.25 -10.56
N ASP A 79 -2.90 -9.57 -10.65
CA ASP A 79 -2.31 -10.25 -11.85
C ASP A 79 -3.00 -9.80 -13.16
N GLU A 80 -4.33 -9.95 -13.23
CA GLU A 80 -5.18 -9.57 -14.41
C GLU A 80 -4.77 -8.21 -14.98
N TYR A 81 -4.46 -7.23 -14.13
CA TYR A 81 -4.46 -5.79 -14.50
C TYR A 81 -3.05 -5.38 -14.93
N VAL A 82 -2.09 -6.30 -14.82
CA VAL A 82 -0.63 -6.07 -15.01
C VAL A 82 -0.09 -6.96 -16.14
N ILE A 83 0.26 -6.33 -17.27
CA ILE A 83 0.58 -7.03 -18.55
C ILE A 83 2.05 -7.49 -18.49
N SER A 84 2.95 -6.59 -18.08
CA SER A 84 4.43 -6.75 -18.11
C SER A 84 4.96 -7.02 -16.69
N PRO A 85 5.99 -7.87 -16.57
CA PRO A 85 6.64 -8.09 -15.28
C PRO A 85 7.41 -6.87 -14.74
N PRO A 86 7.67 -6.90 -13.41
CA PRO A 86 8.50 -5.89 -12.77
C PRO A 86 9.86 -5.78 -13.43
N THR A 87 10.34 -4.54 -13.55
CA THR A 87 11.52 -4.07 -14.31
C THR A 87 12.50 -3.43 -13.33
N LEU A 88 13.75 -3.86 -13.30
CA LEU A 88 14.77 -3.17 -12.47
C LEU A 88 14.95 -1.73 -13.02
N TYR A 89 14.95 -0.70 -12.17
CA TYR A 89 15.36 0.67 -12.56
C TYR A 89 16.54 1.09 -11.69
N GLU A 90 17.54 1.70 -12.32
CA GLU A 90 18.78 2.21 -11.68
C GLU A 90 18.85 3.70 -11.95
N ARG A 91 18.95 4.51 -10.91
CA ARG A 91 19.04 5.98 -11.02
C ARG A 91 20.34 6.42 -10.34
N LYS A 92 20.94 7.50 -10.85
CA LYS A 92 22.03 8.27 -10.20
C LYS A 92 21.33 9.39 -9.44
N ASN A 93 21.79 9.79 -8.24
CA ASN A 93 21.17 10.86 -7.40
C ASN A 93 22.19 12.01 -7.18
N HIS A 94 21.79 13.14 -6.61
CA HIS A 94 22.64 14.37 -6.51
C HIS A 94 23.98 14.04 -5.83
N LEU A 95 24.01 12.98 -5.02
CA LEU A 95 25.21 12.50 -4.29
C LEU A 95 26.10 11.70 -5.24
N GLY A 96 25.57 11.30 -6.40
CA GLY A 96 26.28 10.52 -7.44
C GLY A 96 26.25 9.01 -7.24
N ASN A 97 25.42 8.50 -6.33
CA ASN A 97 25.28 7.05 -6.01
C ASN A 97 24.17 6.43 -6.87
N LYS A 98 24.36 5.17 -7.23
CA LYS A 98 23.40 4.42 -8.06
C LYS A 98 22.33 3.93 -7.10
N VAL A 99 21.04 4.09 -7.43
CA VAL A 99 19.92 3.58 -6.60
C VAL A 99 19.11 2.58 -7.42
N ILE A 100 18.82 1.41 -6.86
CA ILE A 100 18.06 0.29 -7.50
C ILE A 100 16.65 0.23 -6.91
N THR A 101 15.61 0.21 -7.74
CA THR A 101 14.22 -0.17 -7.35
C THR A 101 13.63 -1.07 -8.44
N TRP A 102 12.50 -1.72 -8.14
CA TRP A 102 11.68 -2.48 -9.12
C TRP A 102 10.38 -1.71 -9.38
N ARG A 103 9.90 -1.71 -10.64
CA ARG A 103 8.71 -0.94 -11.10
C ARG A 103 7.77 -1.88 -11.84
N ALA A 104 6.46 -1.63 -11.69
CA ALA A 104 5.38 -2.31 -12.42
C ALA A 104 4.21 -1.31 -12.50
N GLN A 105 3.24 -1.56 -13.40
CA GLN A 105 2.04 -0.70 -13.61
CA GLN A 105 2.03 -0.70 -13.53
C GLN A 105 0.83 -1.59 -13.88
N THR A 106 -0.36 -1.22 -13.40
CA THR A 106 -1.61 -1.77 -13.99
C THR A 106 -1.83 -0.92 -15.23
N PHE A 107 -2.66 -1.41 -16.16
CA PHE A 107 -3.29 -0.51 -17.15
C PHE A 107 -4.40 0.30 -16.44
N GLU A 108 -4.90 1.37 -17.09
CA GLU A 108 -6.16 2.07 -16.69
C GLU A 108 -7.30 1.06 -16.70
N HIS A 109 -8.20 1.15 -15.73
CA HIS A 109 -9.40 0.29 -15.64
C HIS A 109 -10.34 0.90 -14.60
N LYS A 110 -11.61 0.96 -14.98
CA LYS A 110 -12.79 1.43 -14.22
C LYS A 110 -12.85 0.79 -12.83
N ALA A 111 -12.41 -0.46 -12.68
CA ALA A 111 -12.41 -1.19 -11.39
C ALA A 111 -11.64 -0.41 -10.30
N PHE A 112 -10.67 0.45 -10.67
CA PHE A 112 -9.82 1.22 -9.74
C PHE A 112 -10.46 2.58 -9.39
N ASP A 113 -11.56 2.97 -10.04
CA ASP A 113 -12.15 4.34 -9.93
C ASP A 113 -12.75 4.59 -8.54
N LYS A 114 -13.50 3.63 -7.99
CA LYS A 114 -14.15 3.76 -6.67
C LYS A 114 -13.12 4.16 -5.60
N LEU A 115 -12.03 3.41 -5.48
CA LEU A 115 -10.94 3.69 -4.49
C LEU A 115 -10.13 4.89 -4.98
N GLY A 116 -9.99 5.09 -6.26
CA GLY A 116 -9.32 6.31 -6.73
C GLY A 116 -10.06 7.59 -6.30
N TYR A 117 -11.39 7.65 -6.48
CA TYR A 117 -12.20 8.86 -6.14
C TYR A 117 -12.31 8.97 -4.63
N TYR A 118 -12.29 7.83 -3.91
CA TYR A 118 -12.45 7.78 -2.46
C TYR A 118 -11.24 8.40 -1.76
N PHE A 119 -10.03 8.17 -2.30
CA PHE A 119 -8.73 8.57 -1.70
C PHE A 119 -8.19 9.87 -2.27
N MET A 120 -8.40 10.12 -3.57
CA MET A 120 -7.71 11.28 -4.21
C MET A 120 -8.69 12.44 -4.38
N GLU A 121 -8.23 13.63 -4.05
CA GLU A 121 -9.02 14.89 -4.09
C GLU A 121 -8.01 16.00 -4.33
N ASN A 122 -8.00 16.58 -5.52
CA ASN A 122 -7.06 17.67 -5.89
C ASN A 122 -5.64 17.08 -6.01
N HIS A 123 -5.53 15.80 -6.39
CA HIS A 123 -4.24 15.06 -6.56
C HIS A 123 -3.48 14.91 -5.23
N LYS A 124 -4.15 14.99 -4.08
CA LYS A 124 -3.58 14.59 -2.77
C LYS A 124 -4.36 13.39 -2.25
N LYS A 125 -3.66 12.45 -1.61
CA LYS A 125 -4.30 11.38 -0.80
C LYS A 125 -4.93 12.06 0.42
N ILE A 126 -6.19 11.74 0.73
CA ILE A 126 -6.91 12.30 1.90
C ILE A 126 -7.56 11.14 2.66
N ILE A 127 -7.83 11.38 3.92
CA ILE A 127 -8.46 10.38 4.83
C ILE A 127 -9.94 10.76 5.01
N LYS A 128 -10.80 9.96 4.43
CA LYS A 128 -12.28 10.09 4.48
C LYS A 128 -12.73 9.73 5.89
N PRO A 129 -13.72 10.47 6.44
CA PRO A 129 -14.14 10.25 7.81
C PRO A 129 -14.61 8.82 8.04
N ASP A 130 -15.04 8.05 7.03
CA ASP A 130 -15.59 6.69 7.33
C ASP A 130 -14.62 5.60 6.83
N LEU A 131 -13.44 6.00 6.39
CA LEU A 131 -12.44 5.03 5.87
C LEU A 131 -12.27 3.84 6.83
N VAL A 132 -11.95 4.11 8.10
CA VAL A 132 -11.62 3.02 9.04
C VAL A 132 -12.86 2.14 9.24
N LEU A 133 -14.00 2.77 9.56
CA LEU A 133 -15.22 2.03 9.94
C LEU A 133 -15.59 1.14 8.75
N ASN A 134 -15.69 1.69 7.56
CA ASN A 134 -16.39 0.96 6.48
C ASN A 134 -15.43 0.17 5.58
N TYR A 135 -14.09 0.37 5.62
CA TYR A 135 -13.19 -0.17 4.55
C TYR A 135 -11.97 -0.91 5.10
N ILE A 136 -11.27 -0.39 6.12
CA ILE A 136 -9.98 -1.00 6.59
C ILE A 136 -10.26 -2.33 7.29
N THR A 137 -9.77 -3.44 6.77
CA THR A 137 -9.76 -4.75 7.49
C THR A 137 -8.32 -5.05 7.97
N GLU A 138 -8.14 -6.13 8.70
CA GLU A 138 -6.79 -6.61 9.09
C GLU A 138 -5.92 -6.88 7.85
N ARG A 139 -6.50 -7.37 6.72
CA ARG A 139 -5.73 -7.54 5.47
C ARG A 139 -5.18 -6.15 5.08
N SER A 140 -6.02 -5.11 5.06
CA SER A 140 -5.61 -3.71 4.71
C SER A 140 -4.50 -3.27 5.67
N LEU A 141 -4.69 -3.52 6.97
CA LEU A 141 -3.68 -3.11 8.00
C LEU A 141 -2.31 -3.71 7.69
N ALA A 142 -2.27 -4.98 7.26
CA ALA A 142 -1.00 -5.72 6.99
C ALA A 142 -0.26 -5.06 5.83
N TYR A 143 -0.98 -4.73 4.78
CA TYR A 143 -0.39 -4.09 3.58
C TYR A 143 0.09 -2.69 3.94
N TRP A 144 -0.70 -1.91 4.68
CA TRP A 144 -0.31 -0.57 5.17
C TRP A 144 0.99 -0.72 5.94
N PHE A 145 1.05 -1.72 6.80
CA PHE A 145 2.23 -1.96 7.65
C PHE A 145 3.45 -2.41 6.80
N MET A 146 3.31 -3.30 5.82
CA MET A 146 4.49 -3.74 5.02
C MET A 146 5.00 -2.53 4.23
N ASP A 147 4.11 -1.66 3.82
CA ASP A 147 4.45 -0.44 3.04
C ASP A 147 5.14 0.56 3.97
N ASP A 148 4.41 1.06 4.97
CA ASP A 148 4.76 2.29 5.73
C ASP A 148 5.09 1.99 7.20
N GLY A 149 5.16 0.72 7.55
CA GLY A 149 5.33 0.24 8.92
C GLY A 149 6.78 0.37 9.33
N GLY A 150 7.04 0.40 10.63
CA GLY A 150 8.35 0.66 11.25
C GLY A 150 8.37 0.25 12.70
N LYS A 151 9.55 0.06 13.25
CA LYS A 151 9.80 -0.11 14.70
C LYS A 151 10.00 1.26 15.35
N TRP A 152 9.64 1.40 16.61
CA TRP A 152 10.02 2.57 17.43
C TRP A 152 11.51 2.44 17.78
N ASP A 153 11.95 1.23 18.12
CA ASP A 153 13.32 0.93 18.62
C ASP A 153 14.01 -0.09 17.72
N TYR A 154 15.02 0.36 16.97
CA TYR A 154 15.75 -0.51 16.01
C TYR A 154 16.90 -1.28 16.70
N ASN A 155 17.23 -1.05 17.98
CA ASN A 155 18.17 -1.95 18.70
C ASN A 155 17.65 -3.38 18.58
N LYS A 156 18.48 -4.24 18.01
CA LYS A 156 18.19 -5.67 17.70
CA LYS A 156 18.14 -5.65 17.70
C LYS A 156 17.86 -6.45 18.98
N LYS A 157 18.40 -6.02 20.13
CA LYS A 157 18.19 -6.78 21.41
C LYS A 157 17.11 -6.11 22.29
N THR A 158 16.44 -5.05 21.82
CA THR A 158 15.46 -4.30 22.64
C THR A 158 14.35 -5.23 23.13
N LYS A 159 13.67 -4.80 24.19
CA LYS A 159 12.46 -5.49 24.68
C LYS A 159 11.25 -4.62 24.32
N ASN A 160 11.49 -3.42 23.80
CA ASN A 160 10.42 -2.45 23.46
C ASN A 160 9.93 -2.77 22.05
N LYS A 161 8.76 -3.40 21.95
CA LYS A 161 8.15 -3.84 20.64
C LYS A 161 7.09 -2.85 20.14
N SER A 162 7.17 -1.58 20.57
CA SER A 162 6.43 -0.45 19.96
C SER A 162 6.70 -0.42 18.45
N LEU A 163 5.66 -0.14 17.68
CA LEU A 163 5.67 -0.03 16.20
C LEU A 163 5.15 1.33 15.76
N VAL A 164 5.40 1.66 14.51
CA VAL A 164 5.06 2.97 13.90
C VAL A 164 4.36 2.68 12.56
N LEU A 165 3.35 3.48 12.22
CA LEU A 165 2.93 3.70 10.81
C LEU A 165 3.37 5.09 10.43
N HIS A 166 4.14 5.19 9.35
CA HIS A 166 4.71 6.47 8.87
C HIS A 166 3.69 7.20 7.99
N THR A 167 2.84 8.02 8.64
CA THR A 167 1.73 8.78 8.03
C THR A 167 2.13 10.24 7.76
N GLN A 168 3.43 10.53 7.59
CA GLN A 168 3.93 11.92 7.50
C GLN A 168 3.15 12.70 6.44
N GLY A 169 2.79 12.06 5.32
CA GLY A 169 2.16 12.70 4.16
C GLY A 169 0.71 13.14 4.44
N PHE A 170 0.08 12.73 5.54
CA PHE A 170 -1.33 13.11 5.83
C PHE A 170 -1.37 14.34 6.77
N LYS A 171 -2.55 14.95 6.91
CA LYS A 171 -2.75 16.09 7.85
C LYS A 171 -2.82 15.56 9.28
N LYS A 172 -2.45 16.40 10.25
CA LYS A 172 -2.54 16.05 11.69
C LYS A 172 -3.97 15.53 11.99
N GLU A 173 -4.97 16.27 11.50
N GLU A 173 -4.99 16.27 11.53
CA GLU A 173 -6.41 16.07 11.83
CA GLU A 173 -6.42 15.98 11.90
C GLU A 173 -6.87 14.76 11.20
C GLU A 173 -6.88 14.70 11.20
N GLU A 174 -6.32 14.42 10.03
CA GLU A 174 -6.48 13.12 9.32
C GLU A 174 -5.90 11.96 10.17
N VAL A 175 -4.67 12.09 10.65
CA VAL A 175 -4.07 11.03 11.51
C VAL A 175 -4.89 10.89 12.79
N GLU A 176 -5.34 12.02 13.39
CA GLU A 176 -6.18 11.95 14.63
C GLU A 176 -7.45 11.16 14.34
N ILE A 177 -8.07 11.32 13.17
CA ILE A 177 -9.24 10.46 12.77
C ILE A 177 -8.82 8.99 12.75
N LEU A 178 -7.72 8.66 12.05
CA LEU A 178 -7.26 7.23 11.91
C LEU A 178 -7.09 6.63 13.31
N ILE A 179 -6.38 7.37 14.19
CA ILE A 179 -6.01 6.87 15.54
C ILE A 179 -7.31 6.61 16.29
N ASN A 180 -8.23 7.59 16.30
CA ASN A 180 -9.55 7.47 16.99
C ASN A 180 -10.30 6.22 16.52
N ASP A 181 -10.44 6.04 15.20
CA ASP A 181 -11.28 4.96 14.60
C ASP A 181 -10.57 3.60 14.63
N LEU A 182 -9.24 3.60 14.44
CA LEU A 182 -8.47 2.34 14.61
C LEU A 182 -8.65 1.82 16.02
N ASN A 183 -8.55 2.68 17.05
CA ASN A 183 -8.58 2.25 18.46
C ASN A 183 -9.97 1.66 18.80
N ILE A 184 -11.05 2.19 18.21
CA ILE A 184 -12.43 1.66 18.39
C ILE A 184 -12.57 0.35 17.60
N LYS A 185 -12.18 0.30 16.33
CA LYS A 185 -12.47 -0.93 15.52
C LYS A 185 -11.61 -2.15 15.90
N PHE A 186 -10.32 -1.98 16.25
CA PHE A 186 -9.40 -3.12 16.52
C PHE A 186 -9.00 -3.17 18.01
N ASN A 187 -9.58 -2.29 18.82
CA ASN A 187 -9.25 -2.09 20.25
C ASN A 187 -7.74 -1.97 20.42
N LEU A 188 -7.12 -1.05 19.71
CA LEU A 188 -5.71 -0.67 19.90
C LEU A 188 -5.67 0.52 20.86
N ASN A 189 -4.48 0.92 21.27
CA ASN A 189 -4.17 2.15 22.06
C ASN A 189 -3.13 2.96 21.33
N CYS A 190 -3.26 3.07 20.01
CA CYS A 190 -2.43 4.00 19.20
C CYS A 190 -2.51 5.39 19.79
N SER A 191 -1.46 6.18 19.64
CA SER A 191 -1.45 7.62 19.99
C SER A 191 -0.59 8.31 18.95
N ILE A 192 -0.74 9.61 18.80
CA ILE A 192 -0.05 10.44 17.79
C ILE A 192 1.37 10.81 18.28
N LYS A 193 2.28 11.01 17.33
CA LYS A 193 3.65 11.53 17.53
C LYS A 193 4.04 12.29 16.27
N PHE A 194 5.23 12.87 16.29
CA PHE A 194 5.71 13.79 15.23
C PHE A 194 7.11 13.33 14.83
N ASN A 195 7.34 13.34 13.52
CA ASN A 195 8.66 13.04 12.94
C ASN A 195 8.89 14.13 11.88
N LYS A 196 9.94 14.94 12.05
CA LYS A 196 10.16 16.18 11.26
C LYS A 196 8.86 17.01 11.20
N ASN A 197 8.24 17.25 12.35
CA ASN A 197 7.01 18.07 12.50
C ASN A 197 5.81 17.50 11.72
N LYS A 198 5.88 16.26 11.22
CA LYS A 198 4.72 15.62 10.53
C LYS A 198 4.20 14.45 11.37
N PRO A 199 2.89 14.16 11.28
CA PRO A 199 2.28 13.17 12.17
C PRO A 199 2.59 11.70 11.85
N ILE A 200 2.74 10.86 12.89
CA ILE A 200 2.90 9.37 12.76
C ILE A 200 2.04 8.70 13.82
N ILE A 201 1.82 7.41 13.67
CA ILE A 201 0.99 6.58 14.57
C ILE A 201 1.93 5.66 15.34
N TYR A 202 2.04 5.85 16.65
CA TYR A 202 2.85 5.03 17.58
C TYR A 202 1.91 3.93 18.08
N ILE A 203 2.31 2.68 17.95
CA ILE A 203 1.59 1.51 18.52
C ILE A 203 2.39 1.01 19.71
N PRO A 204 1.90 1.20 20.95
CA PRO A 204 2.72 0.98 22.15
C PRO A 204 3.01 -0.51 22.27
N ASN A 205 4.04 -0.83 23.07
CA ASN A 205 4.52 -2.20 23.35
C ASN A 205 3.37 -3.08 23.82
N LYS A 206 2.45 -2.55 24.60
CA LYS A 206 1.41 -3.40 25.21
C LYS A 206 0.35 -3.73 24.15
N ASP A 207 0.36 -3.07 22.97
CA ASP A 207 -0.50 -3.48 21.82
C ASP A 207 0.19 -4.54 20.95
N TYR A 208 1.44 -4.90 21.24
CA TYR A 208 2.23 -5.75 20.29
C TYR A 208 1.56 -7.10 20.02
N GLU A 209 1.15 -7.86 21.04
CA GLU A 209 0.57 -9.22 20.85
C GLU A 209 -0.71 -9.09 20.00
N LEU A 210 -1.52 -8.06 20.25
CA LEU A 210 -2.81 -7.83 19.54
C LEU A 210 -2.50 -7.55 18.07
N PHE A 211 -1.61 -6.59 17.79
CA PHE A 211 -1.31 -6.12 16.43
C PHE A 211 -0.76 -7.30 15.62
N TYR A 212 0.22 -7.97 16.20
CA TYR A 212 0.82 -9.18 15.59
C TYR A 212 -0.29 -10.13 15.18
N ASN A 213 -1.19 -10.48 16.09
CA ASN A 213 -2.20 -11.56 15.87
C ASN A 213 -3.22 -11.11 14.82
N LEU A 214 -3.37 -9.79 14.61
CA LEU A 214 -4.26 -9.23 13.55
C LEU A 214 -3.56 -9.31 12.19
N VAL A 215 -2.30 -8.89 12.11
CA VAL A 215 -1.63 -8.68 10.79
C VAL A 215 -0.70 -9.85 10.43
N ASN A 216 -0.11 -10.58 11.39
CA ASN A 216 0.96 -11.58 11.06
C ASN A 216 0.45 -12.59 10.02
N PRO A 217 -0.82 -13.05 10.05
CA PRO A 217 -1.30 -14.01 9.06
C PRO A 217 -1.14 -13.56 7.60
N TYR A 218 -1.05 -12.25 7.34
CA TYR A 218 -0.98 -11.68 5.97
C TYR A 218 0.47 -11.32 5.56
N ILE A 219 1.38 -11.27 6.52
CA ILE A 219 2.75 -10.76 6.25
C ILE A 219 3.54 -11.85 5.50
N ILE A 220 4.10 -11.53 4.34
CA ILE A 220 4.82 -12.53 3.50
C ILE A 220 6.17 -12.73 4.17
N PRO A 221 6.87 -13.85 3.89
CA PRO A 221 8.09 -14.20 4.61
C PRO A 221 9.18 -13.15 4.52
N GLU A 222 9.30 -12.44 3.41
CA GLU A 222 10.37 -11.44 3.20
C GLU A 222 10.03 -10.11 3.90
N MET A 223 8.83 -10.01 4.49
CA MET A 223 8.46 -8.75 5.22
C MET A 223 8.28 -8.99 6.74
N LYS A 224 8.48 -10.19 7.24
CA LYS A 224 8.26 -10.46 8.68
C LYS A 224 9.22 -9.63 9.53
N TYR A 225 10.36 -9.23 8.96
CA TYR A 225 11.43 -8.53 9.71
C TYR A 225 10.93 -7.20 10.28
N LYS A 226 9.89 -6.60 9.68
CA LYS A 226 9.41 -5.24 10.11
C LYS A 226 8.73 -5.39 11.46
N LEU A 227 8.34 -6.62 11.81
CA LEU A 227 7.43 -7.00 12.92
C LEU A 227 8.19 -7.82 13.98
N LEU A 228 9.27 -8.48 13.60
CA LEU A 228 9.93 -9.52 14.43
C LEU A 228 10.90 -8.88 15.44
N PHE A 229 10.81 -9.23 16.70
CA PHE A 229 11.83 -8.95 17.75
C PHE A 229 12.28 -10.27 18.36
N ASN A 230 13.36 -10.23 19.14
CA ASN A 230 13.77 -11.38 20.01
C ASN A 230 12.60 -11.77 20.91
N VAL A 231 12.35 -13.07 21.07
CA VAL A 231 11.30 -13.56 22.01
C VAL A 231 11.74 -13.18 23.42
#